data_1X2W
#
_entry.id   1X2W
#
_cell.length_a   134.121
_cell.length_b   37.831
_cell.length_c   55.828
_cell.angle_alpha   90.00
_cell.angle_beta   110.46
_cell.angle_gamma   90.00
#
_symmetry.space_group_name_H-M   'C 1 2 1'
#
loop_
_entity.id
_entity.type
_entity.pdbx_description
1 polymer 'Coagulation factor IX/X-binding protein A chain'
2 polymer 'Coagulation factor IX/factor X-binding protein B chain'
3 non-polymer 'CHLORIDE ION'
4 non-polymer 'RUBIDIUM ION'
5 non-polymer 'SULFATE ION'
6 water water
#
loop_
_entity_poly.entity_id
_entity_poly.type
_entity_poly.pdbx_seq_one_letter_code
_entity_poly.pdbx_strand_id
1 'polypeptide(L)'
;DCPSGWSSYEGHCYKPFKLYKTWDDAERFCTEQAKGGHLVSIESAGEADFVAQLVTENIQNTKSYVWIGLRVQGKEKQCS
SEWSDGSSVSYENWIEAESKTCLGLEKETGFRKWVNIYCGQQNPFVCEA
;
A
2 'polypeptide(L)'
;DCPSDWSSYEGHCYKPFSEPKNWADAENFCTQQHAGGHLVSFQSSEEADFVVKLAFQTFGHSIFWMGLSNVWNQCNWQWS
NAAMLRYKAWAEESYCVYFKSTNNKWRSRACRMMAQFVCEFQA
;
B
#
loop_
_chem_comp.id
_chem_comp.type
_chem_comp.name
_chem_comp.formula
CL non-polymer 'CHLORIDE ION' 'Cl -1'
RB non-polymer 'RUBIDIUM ION' 'Rb 1'
SO4 non-polymer 'SULFATE ION' 'O4 S -2'
#
# COMPACT_ATOMS: atom_id res chain seq x y z
N ASP A 1 -36.88 4.94 3.24
CA ASP A 1 -37.14 5.04 4.70
C ASP A 1 -36.02 4.46 5.56
N CYS A 2 -35.69 3.20 5.31
CA CYS A 2 -34.65 2.47 6.04
C CYS A 2 -35.11 2.05 7.44
N PRO A 3 -34.74 0.84 7.85
CA PRO A 3 -35.08 0.27 9.17
C PRO A 3 -34.50 1.07 10.33
N SER A 4 -35.17 1.02 11.48
CA SER A 4 -34.70 1.72 12.66
C SER A 4 -33.23 1.33 12.86
N GLY A 5 -32.37 2.33 13.04
CA GLY A 5 -30.96 2.05 13.22
C GLY A 5 -30.16 2.39 11.98
N TRP A 6 -30.80 2.31 10.81
CA TRP A 6 -30.15 2.64 9.55
C TRP A 6 -30.51 4.06 9.13
N SER A 7 -29.64 4.68 8.34
CA SER A 7 -29.89 6.04 7.86
C SER A 7 -29.97 6.03 6.34
N SER A 8 -30.82 6.88 5.79
CA SER A 8 -31.00 6.91 4.35
C SER A 8 -30.28 8.03 3.62
N TYR A 9 -29.88 7.74 2.39
CA TYR A 9 -29.21 8.70 1.53
C TYR A 9 -29.36 8.21 0.10
N GLU A 10 -30.05 9.01 -0.71
CA GLU A 10 -30.30 8.70 -2.12
C GLU A 10 -30.42 7.21 -2.44
N GLY A 11 -31.54 6.61 -2.05
CA GLY A 11 -31.79 5.20 -2.35
C GLY A 11 -31.11 4.11 -1.54
N HIS A 12 -30.22 4.46 -0.62
CA HIS A 12 -29.55 3.44 0.17
C HIS A 12 -29.69 3.61 1.67
N CYS A 13 -29.42 2.55 2.41
CA CYS A 13 -29.49 2.54 3.86
C CYS A 13 -28.12 2.21 4.43
N TYR A 14 -27.70 2.96 5.44
CA TYR A 14 -26.40 2.75 6.04
C TYR A 14 -26.44 2.58 7.54
N LYS A 15 -25.46 1.87 8.08
CA LYS A 15 -25.36 1.67 9.52
C LYS A 15 -23.90 1.45 9.93
N PRO A 16 -23.39 2.31 10.81
CA PRO A 16 -22.01 2.22 11.30
C PRO A 16 -21.91 1.23 12.46
N PHE A 17 -20.77 0.58 12.56
CA PHE A 17 -20.54 -0.38 13.63
C PHE A 17 -19.20 -0.13 14.27
N LYS A 18 -19.20 0.13 15.56
CA LYS A 18 -17.94 0.35 16.26
C LYS A 18 -17.52 -1.04 16.72
N LEU A 19 -17.32 -1.92 15.75
CA LEU A 19 -16.90 -3.29 16.00
C LEU A 19 -15.58 -3.49 15.30
N TYR A 20 -14.65 -4.18 15.95
CA TYR A 20 -13.33 -4.41 15.38
C TYR A 20 -13.24 -5.76 14.68
N LYS A 21 -13.12 -5.73 13.36
CA LYS A 21 -13.00 -6.96 12.57
C LYS A 21 -12.06 -6.75 11.39
N THR A 22 -11.59 -7.86 10.84
CA THR A 22 -10.72 -7.83 9.68
C THR A 22 -11.63 -7.44 8.52
N TRP A 23 -11.06 -7.08 7.37
CA TRP A 23 -11.90 -6.69 6.23
C TRP A 23 -12.87 -7.79 5.85
N ASP A 24 -12.40 -9.03 5.90
CA ASP A 24 -13.24 -10.17 5.54
C ASP A 24 -14.37 -10.42 6.54
N ASP A 25 -14.08 -10.36 7.84
CA ASP A 25 -15.15 -10.59 8.80
C ASP A 25 -16.16 -9.46 8.76
N ALA A 26 -15.68 -8.27 8.43
CA ALA A 26 -16.52 -7.07 8.34
C ALA A 26 -17.49 -7.22 7.17
N GLU A 27 -16.95 -7.46 5.99
CA GLU A 27 -17.75 -7.62 4.79
C GLU A 27 -18.77 -8.73 4.95
N ARG A 28 -18.36 -9.86 5.53
CA ARG A 28 -19.27 -10.96 5.73
C ARG A 28 -20.34 -10.58 6.75
N PHE A 29 -19.90 -9.88 7.80
CA PHE A 29 -20.80 -9.43 8.84
C PHE A 29 -21.86 -8.51 8.23
N CYS A 30 -21.43 -7.61 7.34
CA CYS A 30 -22.36 -6.69 6.70
C CYS A 30 -23.40 -7.40 5.85
N THR A 31 -23.01 -8.51 5.22
CA THR A 31 -23.94 -9.25 4.40
C THR A 31 -25.04 -9.88 5.25
N GLU A 32 -24.74 -10.07 6.53
CA GLU A 32 -25.69 -10.68 7.46
C GLU A 32 -26.61 -9.67 8.13
N GLN A 33 -26.28 -8.38 7.99
CA GLN A 33 -27.06 -7.31 8.60
C GLN A 33 -28.27 -6.88 7.79
N ALA A 34 -28.25 -7.16 6.50
CA ALA A 34 -29.37 -6.79 5.65
C ALA A 34 -29.33 -7.55 4.34
N LYS A 35 -30.49 -7.71 3.72
CA LYS A 35 -30.55 -8.40 2.44
C LYS A 35 -29.76 -7.51 1.49
N GLY A 36 -28.76 -8.08 0.84
CA GLY A 36 -27.93 -7.32 -0.09
C GLY A 36 -26.94 -6.41 0.62
N GLY A 37 -26.62 -6.72 1.87
CA GLY A 37 -25.69 -5.91 2.63
C GLY A 37 -24.23 -6.11 2.29
N HIS A 38 -23.45 -5.03 2.36
CA HIS A 38 -22.02 -5.07 2.06
C HIS A 38 -21.36 -3.92 2.80
N LEU A 39 -20.03 -3.89 2.76
CA LEU A 39 -19.29 -2.80 3.36
C LEU A 39 -19.60 -1.61 2.46
N VAL A 40 -19.71 -0.43 3.07
CA VAL A 40 -20.06 0.79 2.34
C VAL A 40 -19.23 1.10 1.09
N SER A 41 -19.93 1.45 0.01
CA SER A 41 -19.26 1.82 -1.23
C SER A 41 -19.51 3.32 -1.41
N ILE A 42 -18.47 4.06 -1.78
CA ILE A 42 -18.54 5.51 -1.97
C ILE A 42 -18.42 5.85 -3.46
N GLU A 43 -19.54 6.18 -4.09
CA GLU A 43 -19.57 6.48 -5.51
C GLU A 43 -19.78 7.93 -5.93
N SER A 44 -19.68 8.87 -4.99
CA SER A 44 -19.87 10.28 -5.31
C SER A 44 -19.43 11.12 -4.11
N ALA A 45 -19.11 12.37 -4.37
CA ALA A 45 -18.70 13.27 -3.29
C ALA A 45 -19.84 13.44 -2.29
N GLY A 46 -21.06 13.57 -2.80
CA GLY A 46 -22.20 13.73 -1.92
C GLY A 46 -22.32 12.54 -0.99
N GLU A 47 -22.15 11.34 -1.55
CA GLU A 47 -22.21 10.13 -0.75
C GLU A 47 -21.04 10.07 0.22
N ALA A 48 -19.87 10.53 -0.23
CA ALA A 48 -18.69 10.53 0.63
C ALA A 48 -18.91 11.50 1.80
N ASP A 49 -19.59 12.60 1.53
CA ASP A 49 -19.89 13.55 2.59
C ASP A 49 -20.80 12.85 3.60
N PHE A 50 -21.90 12.29 3.10
CA PHE A 50 -22.85 11.59 3.94
C PHE A 50 -22.22 10.50 4.80
N VAL A 51 -21.21 9.82 4.27
CA VAL A 51 -20.55 8.76 5.02
C VAL A 51 -19.64 9.33 6.10
N ALA A 52 -18.88 10.37 5.73
CA ALA A 52 -17.97 11.02 6.65
C ALA A 52 -18.75 11.56 7.84
N GLN A 53 -19.90 12.16 7.56
CA GLN A 53 -20.77 12.70 8.59
C GLN A 53 -21.23 11.59 9.54
N LEU A 54 -21.69 10.47 8.96
CA LEU A 54 -22.17 9.33 9.76
C LEU A 54 -21.06 8.77 10.66
N VAL A 55 -19.85 8.67 10.11
CA VAL A 55 -18.71 8.15 10.86
C VAL A 55 -18.33 9.12 11.98
N THR A 56 -18.23 10.39 11.62
CA THR A 56 -17.86 11.43 12.58
C THR A 56 -18.73 11.41 13.84
N GLU A 57 -20.04 11.30 13.65
CA GLU A 57 -20.98 11.29 14.77
C GLU A 57 -21.24 9.93 15.44
N ASN A 58 -20.91 8.83 14.76
CA ASN A 58 -21.18 7.51 15.33
C ASN A 58 -20.03 6.56 15.64
N ILE A 59 -18.86 6.82 15.07
CA ILE A 59 -17.71 5.95 15.32
C ILE A 59 -16.60 6.82 15.90
N GLN A 60 -16.53 6.88 17.22
CA GLN A 60 -15.54 7.70 17.90
C GLN A 60 -14.80 6.95 18.99
N ASN A 61 -13.67 7.48 19.41
CA ASN A 61 -12.84 6.87 20.46
C ASN A 61 -12.38 5.46 20.11
N THR A 62 -11.97 5.24 18.85
CA THR A 62 -11.51 3.92 18.44
C THR A 62 -10.07 3.96 17.95
N LYS A 63 -9.61 5.16 17.60
CA LYS A 63 -8.25 5.35 17.10
C LYS A 63 -7.93 4.25 16.10
N SER A 64 -8.66 4.24 14.99
CA SER A 64 -8.47 3.22 13.96
C SER A 64 -8.93 3.74 12.61
N TYR A 65 -8.95 2.84 11.63
CA TYR A 65 -9.39 3.19 10.29
C TYR A 65 -10.84 2.70 10.19
N VAL A 66 -11.55 3.11 9.16
CA VAL A 66 -12.92 2.66 8.97
C VAL A 66 -13.03 2.00 7.60
N TRP A 67 -13.39 0.72 7.60
CA TRP A 67 -13.52 -0.08 6.39
C TRP A 67 -14.52 0.41 5.34
N ILE A 68 -14.11 0.41 4.08
CA ILE A 68 -15.02 0.73 2.97
C ILE A 68 -14.93 -0.52 2.10
N GLY A 69 -15.87 -0.69 1.18
CA GLY A 69 -15.84 -1.89 0.36
C GLY A 69 -14.81 -2.05 -0.74
N LEU A 70 -13.96 -1.05 -0.95
CA LEU A 70 -12.96 -1.12 -2.00
C LEU A 70 -11.66 -1.81 -1.60
N ARG A 71 -11.30 -2.87 -2.32
CA ARG A 71 -10.07 -3.62 -2.05
C ARG A 71 -9.63 -4.44 -3.25
N VAL A 72 -8.40 -4.96 -3.22
CA VAL A 72 -7.92 -5.81 -4.30
C VAL A 72 -8.56 -7.16 -3.97
N GLN A 73 -9.15 -7.81 -4.98
CA GLN A 73 -9.84 -9.08 -4.73
C GLN A 73 -9.03 -10.27 -4.25
N GLY A 74 -7.88 -10.51 -4.86
CA GLY A 74 -7.08 -11.65 -4.46
C GLY A 74 -6.28 -11.53 -3.17
N LYS A 75 -5.41 -12.51 -2.94
CA LYS A 75 -4.58 -12.56 -1.74
C LYS A 75 -3.10 -12.30 -2.02
N GLU A 76 -2.79 -11.81 -3.21
CA GLU A 76 -1.42 -11.50 -3.59
C GLU A 76 -0.84 -10.41 -2.72
N LYS A 77 0.48 -10.41 -2.57
CA LYS A 77 1.15 -9.37 -1.80
C LYS A 77 1.32 -8.18 -2.73
N GLN A 78 1.22 -8.43 -4.04
CA GLN A 78 1.36 -7.37 -5.02
C GLN A 78 1.03 -7.86 -6.44
N CYS A 79 0.98 -6.92 -7.38
CA CYS A 79 0.71 -7.25 -8.78
C CYS A 79 1.75 -6.55 -9.64
N SER A 80 2.99 -7.01 -9.52
CA SER A 80 4.11 -6.45 -10.27
C SER A 80 4.90 -7.62 -10.83
N SER A 81 5.08 -7.65 -12.14
CA SER A 81 5.79 -8.74 -12.79
C SER A 81 7.32 -8.63 -12.82
N GLU A 82 7.84 -7.41 -12.91
CA GLU A 82 9.29 -7.24 -12.98
C GLU A 82 9.82 -6.00 -12.27
N TRP A 83 11.10 -6.05 -11.93
CA TRP A 83 11.77 -4.93 -11.27
C TRP A 83 12.09 -3.91 -12.34
N SER A 84 12.58 -2.75 -11.91
CA SER A 84 12.91 -1.68 -12.85
C SER A 84 14.06 -2.04 -13.80
N ASP A 85 14.82 -3.07 -13.47
CA ASP A 85 15.92 -3.47 -14.35
C ASP A 85 15.49 -4.49 -15.38
N GLY A 86 14.19 -4.74 -15.47
CA GLY A 86 13.69 -5.68 -16.45
C GLY A 86 13.71 -7.15 -16.03
N SER A 87 14.45 -7.49 -14.98
CA SER A 87 14.51 -8.87 -14.53
C SER A 87 13.15 -9.27 -13.97
N SER A 88 12.85 -10.56 -14.04
CA SER A 88 11.58 -11.09 -13.55
C SER A 88 11.53 -11.15 -12.03
N VAL A 89 10.32 -11.05 -11.49
CA VAL A 89 10.10 -11.08 -10.05
C VAL A 89 9.74 -12.48 -9.55
N SER A 90 10.66 -13.05 -8.78
CA SER A 90 10.48 -14.37 -8.21
C SER A 90 10.57 -14.20 -6.70
N TYR A 91 11.79 -14.08 -6.20
CA TYR A 91 12.01 -13.89 -4.78
C TYR A 91 11.21 -12.70 -4.29
N GLU A 92 10.55 -12.86 -3.14
CA GLU A 92 9.76 -11.81 -2.50
C GLU A 92 9.86 -12.02 -0.99
N ASN A 93 9.84 -10.94 -0.21
CA ASN A 93 9.97 -11.07 1.24
C ASN A 93 9.15 -10.02 2.00
N TRP A 94 7.84 -9.99 1.74
CA TRP A 94 6.93 -9.05 2.38
C TRP A 94 6.62 -9.33 3.86
N ILE A 95 6.51 -8.26 4.63
CA ILE A 95 6.09 -8.35 6.01
C ILE A 95 4.58 -8.37 5.73
N GLU A 96 3.88 -9.35 6.27
CA GLU A 96 2.46 -9.50 6.03
C GLU A 96 1.69 -8.18 6.05
N ALA A 97 1.87 -7.41 7.13
CA ALA A 97 1.17 -6.14 7.27
C ALA A 97 1.67 -4.98 6.42
N GLU A 98 2.76 -5.18 5.67
CA GLU A 98 3.28 -4.11 4.81
C GLU A 98 2.58 -4.12 3.46
N SER A 99 1.85 -5.19 3.18
CA SER A 99 1.10 -5.29 1.95
C SER A 99 -0.27 -4.75 2.32
N LYS A 100 -0.53 -3.50 1.93
CA LYS A 100 -1.78 -2.81 2.23
C LYS A 100 -2.66 -2.80 0.98
N THR A 101 -3.58 -3.75 0.91
CA THR A 101 -4.46 -3.87 -0.24
C THR A 101 -5.94 -3.65 0.08
N CYS A 102 -6.22 -3.05 1.23
CA CYS A 102 -7.59 -2.73 1.64
C CYS A 102 -7.64 -1.23 1.95
N LEU A 103 -8.82 -0.63 1.83
CA LEU A 103 -8.97 0.79 2.10
C LEU A 103 -9.85 1.10 3.30
N GLY A 104 -9.47 2.14 4.03
CA GLY A 104 -10.23 2.57 5.19
C GLY A 104 -10.13 4.07 5.35
N LEU A 105 -11.16 4.67 5.94
CA LEU A 105 -11.16 6.12 6.16
C LEU A 105 -10.48 6.39 7.50
N GLU A 106 -10.05 7.63 7.71
CA GLU A 106 -9.39 8.01 8.96
C GLU A 106 -9.81 9.41 9.41
N LYS A 107 -9.79 9.61 10.72
CA LYS A 107 -10.18 10.88 11.33
C LYS A 107 -9.26 12.01 10.85
N GLU A 108 -7.97 11.73 10.82
CA GLU A 108 -6.96 12.70 10.38
C GLU A 108 -7.34 13.46 9.12
N THR A 109 -7.80 12.73 8.10
CA THR A 109 -8.20 13.36 6.85
C THR A 109 -9.72 13.49 6.75
N GLY A 110 -10.35 13.65 7.90
CA GLY A 110 -11.80 13.83 7.97
C GLY A 110 -12.64 12.72 7.38
N PHE A 111 -12.14 11.50 7.42
CA PHE A 111 -12.85 10.33 6.89
C PHE A 111 -13.30 10.57 5.45
N ARG A 112 -12.54 11.37 4.71
CA ARG A 112 -12.84 11.69 3.31
C ARG A 112 -11.70 11.27 2.40
N LYS A 113 -10.77 10.46 2.91
CA LYS A 113 -9.66 10.00 2.11
C LYS A 113 -9.42 8.50 2.30
N TRP A 114 -9.26 7.80 1.18
CA TRP A 114 -9.06 6.36 1.18
C TRP A 114 -7.59 5.98 1.40
N VAL A 115 -7.32 5.33 2.53
CA VAL A 115 -5.95 4.93 2.90
C VAL A 115 -5.68 3.44 2.73
N ASN A 116 -4.56 3.14 2.08
CA ASN A 116 -4.15 1.76 1.85
C ASN A 116 -3.76 1.16 3.19
N ILE A 117 -4.42 0.07 3.58
CA ILE A 117 -4.11 -0.58 4.85
C ILE A 117 -4.21 -2.09 4.77
N TYR A 118 -3.52 -2.75 5.69
CA TYR A 118 -3.49 -4.20 5.79
C TYR A 118 -4.89 -4.73 6.13
N CYS A 119 -5.39 -5.63 5.29
CA CYS A 119 -6.72 -6.21 5.45
C CYS A 119 -6.89 -7.03 6.73
N GLY A 120 -5.77 -7.42 7.34
CA GLY A 120 -5.80 -8.19 8.56
C GLY A 120 -6.07 -7.34 9.79
N GLN A 121 -6.02 -6.02 9.63
CA GLN A 121 -6.30 -5.09 10.72
C GLN A 121 -7.71 -5.36 11.23
N GLN A 122 -8.00 -4.97 12.47
CA GLN A 122 -9.34 -5.15 13.03
C GLN A 122 -9.92 -3.79 13.33
N ASN A 123 -10.67 -3.26 12.36
CA ASN A 123 -11.25 -1.93 12.49
C ASN A 123 -12.77 -1.89 12.45
N PRO A 124 -13.33 -0.74 12.82
CA PRO A 124 -14.79 -0.58 12.80
C PRO A 124 -15.15 -0.40 11.33
N PHE A 125 -16.43 -0.26 11.02
CA PHE A 125 -16.86 -0.13 9.63
C PHE A 125 -18.28 0.40 9.50
N VAL A 126 -18.77 0.45 8.27
CA VAL A 126 -20.11 0.91 7.98
C VAL A 126 -20.66 -0.01 6.91
N CYS A 127 -21.89 -0.49 7.11
CA CYS A 127 -22.56 -1.36 6.15
C CYS A 127 -23.55 -0.55 5.32
N GLU A 128 -23.87 -1.06 4.13
CA GLU A 128 -24.79 -0.38 3.25
C GLU A 128 -25.67 -1.38 2.49
N ALA A 129 -26.97 -1.12 2.51
CA ALA A 129 -27.92 -1.97 1.83
C ALA A 129 -28.86 -1.04 1.09
N ASP B 1 34.89 -6.98 -11.78
CA ASP B 1 35.33 -6.00 -10.73
C ASP B 1 34.56 -4.69 -10.84
N CYS B 2 34.36 -4.02 -9.70
CA CYS B 2 33.58 -2.78 -9.68
C CYS B 2 34.40 -1.51 -9.44
N PRO B 3 33.77 -0.34 -9.69
CA PRO B 3 34.41 0.97 -9.50
C PRO B 3 34.69 1.12 -8.00
N SER B 4 35.74 1.87 -7.64
CA SER B 4 36.09 2.01 -6.22
C SER B 4 34.98 2.54 -5.31
N ASP B 5 34.04 3.30 -5.87
CA ASP B 5 32.94 3.83 -5.06
C ASP B 5 31.76 2.86 -4.95
N TRP B 6 31.83 1.76 -5.68
CA TRP B 6 30.77 0.75 -5.63
C TRP B 6 31.29 -0.50 -4.91
N SER B 7 30.36 -1.39 -4.54
CA SER B 7 30.72 -2.62 -3.85
C SER B 7 30.20 -3.82 -4.63
N SER B 8 31.09 -4.78 -4.88
CA SER B 8 30.76 -5.97 -5.65
C SER B 8 30.18 -7.14 -4.87
N TYR B 9 29.35 -7.92 -5.55
CA TYR B 9 28.73 -9.09 -4.97
C TYR B 9 28.11 -9.95 -6.07
N GLU B 10 28.82 -11.01 -6.44
CA GLU B 10 28.37 -11.94 -7.46
C GLU B 10 28.06 -11.31 -8.82
N GLY B 11 29.10 -10.77 -9.45
CA GLY B 11 28.95 -10.17 -10.77
C GLY B 11 28.07 -8.93 -10.88
N HIS B 12 27.78 -8.30 -9.76
CA HIS B 12 26.96 -7.09 -9.75
C HIS B 12 27.63 -6.02 -8.87
N CYS B 13 27.39 -4.75 -9.19
CA CYS B 13 27.96 -3.66 -8.43
C CYS B 13 26.83 -2.89 -7.75
N TYR B 14 27.00 -2.59 -6.47
CA TYR B 14 25.97 -1.88 -5.73
C TYR B 14 26.51 -0.63 -5.04
N LYS B 15 25.67 0.38 -4.96
CA LYS B 15 26.06 1.62 -4.31
C LYS B 15 24.87 2.38 -3.73
N PRO B 16 24.92 2.67 -2.41
CA PRO B 16 23.84 3.40 -1.75
C PRO B 16 24.07 4.90 -1.90
N PHE B 17 23.00 5.69 -1.85
CA PHE B 17 23.10 7.14 -1.94
C PHE B 17 22.34 7.80 -0.80
N SER B 18 22.78 8.97 -0.37
CA SER B 18 22.14 9.65 0.75
C SER B 18 21.05 10.65 0.36
N GLU B 19 21.23 11.34 -0.75
CA GLU B 19 20.25 12.33 -1.20
C GLU B 19 18.87 11.73 -1.44
N PRO B 20 17.90 12.08 -0.57
CA PRO B 20 16.51 11.60 -0.65
C PRO B 20 15.82 12.00 -1.95
N LYS B 21 15.15 11.03 -2.57
CA LYS B 21 14.43 11.27 -3.81
C LYS B 21 13.17 10.41 -3.81
N ASN B 22 12.16 10.84 -4.55
CA ASN B 22 10.95 10.05 -4.65
C ASN B 22 11.39 8.85 -5.49
N TRP B 23 10.56 7.81 -5.58
CA TRP B 23 10.95 6.61 -6.33
C TRP B 23 11.40 6.87 -7.76
N ALA B 24 10.61 7.62 -8.53
CA ALA B 24 10.92 7.90 -9.91
C ALA B 24 12.29 8.57 -10.11
N ASP B 25 12.56 9.61 -9.32
CA ASP B 25 13.83 10.33 -9.44
C ASP B 25 15.01 9.48 -9.03
N ALA B 26 14.81 8.60 -8.06
CA ALA B 26 15.88 7.71 -7.60
C ALA B 26 16.27 6.73 -8.71
N GLU B 27 15.27 6.06 -9.28
CA GLU B 27 15.48 5.11 -10.36
C GLU B 27 16.23 5.80 -11.50
N ASN B 28 15.66 6.89 -12.00
CA ASN B 28 16.29 7.63 -13.10
C ASN B 28 17.71 8.05 -12.76
N PHE B 29 17.91 8.52 -11.54
CA PHE B 29 19.22 8.93 -11.10
C PHE B 29 20.18 7.76 -11.24
N CYS B 30 19.75 6.60 -10.80
CA CYS B 30 20.57 5.41 -10.89
C CYS B 30 21.05 5.13 -12.32
N THR B 31 20.14 5.28 -13.28
CA THR B 31 20.50 5.02 -14.67
C THR B 31 21.62 5.93 -15.14
N GLN B 32 21.81 7.05 -14.45
CA GLN B 32 22.84 8.03 -14.81
C GLN B 32 24.16 7.87 -14.07
N GLN B 33 24.28 6.86 -13.21
CA GLN B 33 25.51 6.68 -12.43
C GLN B 33 26.49 5.69 -13.06
N HIS B 34 26.01 4.89 -14.02
CA HIS B 34 26.80 3.91 -14.74
C HIS B 34 25.90 3.21 -15.75
N ALA B 35 26.48 2.79 -16.87
CA ALA B 35 25.71 2.12 -17.91
C ALA B 35 24.89 0.99 -17.32
N GLY B 36 23.62 0.87 -17.73
CA GLY B 36 22.77 -0.18 -17.23
C GLY B 36 22.42 -0.09 -15.74
N GLY B 37 22.49 1.12 -15.19
CA GLY B 37 22.16 1.31 -13.78
C GLY B 37 20.67 1.42 -13.51
N HIS B 38 20.25 0.88 -12.36
CA HIS B 38 18.85 0.87 -11.94
C HIS B 38 18.82 0.71 -10.42
N LEU B 39 17.65 0.85 -9.82
CA LEU B 39 17.51 0.64 -8.39
C LEU B 39 17.78 -0.85 -8.17
N VAL B 40 18.36 -1.19 -7.03
CA VAL B 40 18.68 -2.57 -6.72
C VAL B 40 17.44 -3.47 -6.75
N SER B 41 17.67 -4.73 -7.11
CA SER B 41 16.61 -5.73 -7.16
C SER B 41 17.15 -6.95 -6.39
N PHE B 42 16.27 -7.71 -5.73
CA PHE B 42 16.70 -8.88 -4.96
C PHE B 42 16.21 -10.18 -5.57
N GLN B 43 17.16 -11.03 -5.96
CA GLN B 43 16.84 -12.32 -6.55
C GLN B 43 17.08 -13.44 -5.56
N SER B 44 17.72 -13.12 -4.44
CA SER B 44 18.01 -14.12 -3.43
C SER B 44 18.09 -13.52 -2.04
N SER B 45 18.11 -14.38 -1.03
CA SER B 45 18.18 -13.95 0.36
C SER B 45 19.56 -13.39 0.70
N GLU B 46 20.60 -14.05 0.20
CA GLU B 46 21.98 -13.62 0.44
C GLU B 46 22.27 -12.27 -0.19
N GLU B 47 21.79 -12.07 -1.41
CA GLU B 47 21.99 -10.80 -2.09
C GLU B 47 21.37 -9.66 -1.28
N ALA B 48 20.13 -9.83 -0.85
CA ALA B 48 19.45 -8.81 -0.05
C ALA B 48 20.22 -8.57 1.25
N ASP B 49 20.71 -9.65 1.87
CA ASP B 49 21.48 -9.51 3.11
C ASP B 49 22.69 -8.62 2.86
N PHE B 50 23.41 -8.89 1.78
CA PHE B 50 24.58 -8.11 1.45
C PHE B 50 24.24 -6.64 1.27
N VAL B 51 23.13 -6.36 0.59
CA VAL B 51 22.72 -5.00 0.34
C VAL B 51 22.34 -4.29 1.63
N VAL B 52 21.62 -4.97 2.51
CA VAL B 52 21.22 -4.38 3.79
C VAL B 52 22.47 -4.00 4.58
N LYS B 53 23.36 -4.96 4.73
CA LYS B 53 24.61 -4.76 5.47
C LYS B 53 25.34 -3.53 4.94
N LEU B 54 25.45 -3.44 3.61
CA LEU B 54 26.13 -2.31 2.97
C LEU B 54 25.46 -0.99 3.33
N ALA B 55 24.15 -0.92 3.10
CA ALA B 55 23.40 0.28 3.40
C ALA B 55 23.67 0.73 4.83
N PHE B 56 23.60 -0.22 5.76
CA PHE B 56 23.85 0.12 7.16
C PHE B 56 25.27 0.60 7.39
N GLN B 57 26.25 -0.15 6.90
CA GLN B 57 27.65 0.24 7.07
C GLN B 57 27.88 1.63 6.51
N THR B 58 27.15 1.94 5.44
CA THR B 58 27.25 3.21 4.76
C THR B 58 26.56 4.38 5.46
N PHE B 59 25.26 4.25 5.74
CA PHE B 59 24.49 5.32 6.36
C PHE B 59 23.80 5.04 7.71
N GLY B 60 23.96 3.83 8.24
CA GLY B 60 23.33 3.51 9.51
C GLY B 60 21.83 3.32 9.38
N HIS B 61 21.08 3.70 10.43
CA HIS B 61 19.62 3.57 10.43
C HIS B 61 18.99 4.49 9.39
N SER B 62 18.29 3.89 8.43
CA SER B 62 17.66 4.65 7.37
C SER B 62 16.86 3.73 6.46
N ILE B 63 16.19 4.30 5.47
CA ILE B 63 15.38 3.51 4.55
C ILE B 63 15.81 3.75 3.10
N PHE B 64 15.81 2.70 2.30
CA PHE B 64 16.24 2.80 0.91
C PHE B 64 15.26 2.20 -0.11
N TRP B 65 15.08 2.91 -1.22
CA TRP B 65 14.22 2.48 -2.31
C TRP B 65 14.75 1.19 -2.96
N MET B 66 13.82 0.36 -3.39
CA MET B 66 14.09 -0.92 -4.05
C MET B 66 13.50 -0.74 -5.45
N GLY B 67 13.88 -1.57 -6.42
CA GLY B 67 13.37 -1.43 -7.77
C GLY B 67 11.93 -1.82 -8.11
N LEU B 68 11.03 -1.75 -7.14
CA LEU B 68 9.62 -2.09 -7.37
C LEU B 68 8.71 -0.89 -7.16
N SER B 69 7.95 -0.54 -8.20
CA SER B 69 7.04 0.61 -8.15
C SER B 69 5.59 0.24 -8.48
N ASN B 70 4.67 1.18 -8.21
CA ASN B 70 3.25 0.97 -8.48
C ASN B 70 2.90 -0.50 -8.29
N VAL B 71 3.15 -1.01 -7.09
CA VAL B 71 2.94 -2.41 -6.80
C VAL B 71 1.49 -2.93 -6.73
N TRP B 72 0.53 -2.07 -6.45
CA TRP B 72 -0.86 -2.53 -6.38
C TRP B 72 -1.76 -1.86 -7.40
N ASN B 73 -1.20 -0.98 -8.21
CA ASN B 73 -1.98 -0.27 -9.21
C ASN B 73 -2.54 -1.18 -10.29
N GLN B 74 -1.85 -2.28 -10.57
CA GLN B 74 -2.28 -3.25 -11.58
C GLN B 74 -3.13 -4.36 -10.99
N CYS B 75 -3.42 -4.27 -9.70
CA CYS B 75 -4.23 -5.29 -9.05
C CYS B 75 -5.68 -4.96 -9.40
N ASN B 76 -6.60 -5.87 -9.12
CA ASN B 76 -8.00 -5.62 -9.44
C ASN B 76 -8.79 -5.07 -8.27
N TRP B 77 -8.85 -3.74 -8.17
CA TRP B 77 -9.57 -3.07 -7.12
C TRP B 77 -11.05 -2.99 -7.49
N GLN B 78 -11.92 -3.37 -6.56
CA GLN B 78 -13.35 -3.32 -6.81
C GLN B 78 -14.19 -3.34 -5.54
N TRP B 79 -15.37 -2.72 -5.63
CA TRP B 79 -16.30 -2.64 -4.51
C TRP B 79 -16.95 -3.99 -4.29
N SER B 80 -17.01 -4.43 -3.04
CA SER B 80 -17.64 -5.71 -2.73
C SER B 80 -19.11 -5.74 -3.14
N ASN B 81 -19.73 -4.57 -3.35
CA ASN B 81 -21.13 -4.54 -3.77
C ASN B 81 -21.19 -4.52 -5.29
N ALA B 82 -20.03 -4.74 -5.91
CA ALA B 82 -19.89 -4.80 -7.37
C ALA B 82 -20.24 -3.54 -8.15
N ALA B 83 -20.17 -2.39 -7.49
CA ALA B 83 -20.46 -1.12 -8.17
C ALA B 83 -19.24 -0.69 -8.97
N MET B 84 -19.48 -0.04 -10.11
CA MET B 84 -18.41 0.43 -10.96
C MET B 84 -17.52 1.44 -10.24
N LEU B 85 -16.22 1.20 -10.27
CA LEU B 85 -15.26 2.10 -9.66
C LEU B 85 -15.13 3.31 -10.57
N ARG B 86 -15.68 4.45 -10.11
CA ARG B 86 -15.62 5.68 -10.90
C ARG B 86 -15.15 6.85 -10.04
N TYR B 87 -15.89 7.16 -8.99
CA TYR B 87 -15.50 8.24 -8.09
C TYR B 87 -14.28 7.75 -7.31
N LYS B 88 -13.20 8.52 -7.34
CA LYS B 88 -11.97 8.15 -6.63
C LYS B 88 -11.62 9.19 -5.57
N ALA B 89 -11.04 8.75 -4.45
CA ALA B 89 -10.66 9.64 -3.36
C ALA B 89 -9.43 9.09 -2.63
N TRP B 90 -8.47 8.61 -3.41
CA TRP B 90 -7.24 8.04 -2.86
C TRP B 90 -6.35 9.01 -2.11
N ALA B 91 -5.89 8.61 -0.92
CA ALA B 91 -4.98 9.46 -0.16
C ALA B 91 -3.66 9.49 -0.94
N GLU B 92 -3.32 8.34 -1.51
CA GLU B 92 -2.09 8.20 -2.28
C GLU B 92 -2.40 7.46 -3.59
N GLU B 93 -1.73 7.84 -4.66
CA GLU B 93 -1.97 7.22 -5.96
C GLU B 93 -1.18 5.93 -6.21
N SER B 94 0.03 5.84 -5.66
CA SER B 94 0.83 4.64 -5.86
C SER B 94 1.85 4.38 -4.77
N TYR B 95 2.13 3.11 -4.54
CA TYR B 95 3.10 2.69 -3.53
C TYR B 95 4.32 2.02 -4.15
N CYS B 96 5.44 2.16 -3.45
CA CYS B 96 6.71 1.60 -3.91
C CYS B 96 7.37 0.81 -2.78
N VAL B 97 8.22 -0.15 -3.13
CA VAL B 97 8.87 -0.98 -2.13
C VAL B 97 10.24 -0.50 -1.69
N TYR B 98 10.46 -0.56 -0.38
CA TYR B 98 11.75 -0.18 0.18
C TYR B 98 12.08 -1.15 1.30
N PHE B 99 13.30 -1.03 1.81
CA PHE B 99 13.77 -1.86 2.91
C PHE B 99 14.51 -0.94 3.86
N LYS B 100 14.60 -1.32 5.12
CA LYS B 100 15.34 -0.52 6.08
C LYS B 100 16.66 -1.22 6.36
N SER B 101 17.71 -0.44 6.52
CA SER B 101 19.06 -0.95 6.75
C SER B 101 19.25 -1.96 7.88
N THR B 102 18.21 -2.20 8.68
CA THR B 102 18.34 -3.15 9.79
C THR B 102 17.96 -4.60 9.47
N ASN B 103 17.13 -4.81 8.45
CA ASN B 103 16.71 -6.16 8.06
C ASN B 103 16.28 -6.22 6.58
N ASN B 104 16.15 -7.42 6.03
CA ASN B 104 15.78 -7.57 4.62
C ASN B 104 14.28 -7.71 4.33
N LYS B 105 13.45 -7.24 5.24
CA LYS B 105 12.01 -7.34 5.04
C LYS B 105 11.46 -6.25 4.12
N TRP B 106 10.55 -6.62 3.22
CA TRP B 106 9.98 -5.65 2.29
C TRP B 106 8.87 -4.83 2.95
N ARG B 107 8.94 -3.52 2.81
CA ARG B 107 7.96 -2.60 3.38
C ARG B 107 7.44 -1.69 2.27
N SER B 108 6.31 -1.05 2.52
CA SER B 108 5.71 -0.17 1.50
C SER B 108 5.68 1.31 1.89
N ARG B 109 5.78 2.17 0.87
CA ARG B 109 5.75 3.62 1.04
C ARG B 109 5.27 4.30 -0.24
N ALA B 110 4.50 5.36 -0.09
CA ALA B 110 3.99 6.12 -1.25
C ALA B 110 5.16 6.53 -2.12
N CYS B 111 5.06 6.26 -3.42
CA CYS B 111 6.13 6.57 -4.37
C CYS B 111 6.52 8.04 -4.47
N ARG B 112 5.58 8.93 -4.16
CA ARG B 112 5.84 10.38 -4.22
C ARG B 112 6.69 10.85 -3.05
N MET B 113 6.70 10.07 -1.98
CA MET B 113 7.48 10.41 -0.80
C MET B 113 8.97 10.16 -1.07
N MET B 114 9.83 10.62 -0.16
CA MET B 114 11.26 10.47 -0.36
C MET B 114 11.94 9.43 0.49
N ALA B 115 13.11 8.99 0.03
CA ALA B 115 13.92 7.99 0.73
C ALA B 115 15.31 7.90 0.12
N GLN B 116 16.24 7.28 0.87
CA GLN B 116 17.58 7.08 0.36
C GLN B 116 17.42 5.89 -0.58
N PHE B 117 18.50 5.43 -1.19
CA PHE B 117 18.37 4.31 -2.09
C PHE B 117 19.70 3.67 -2.49
N VAL B 118 19.61 2.49 -3.08
CA VAL B 118 20.77 1.75 -3.54
C VAL B 118 20.66 1.53 -5.06
N CYS B 119 21.75 1.77 -5.79
CA CYS B 119 21.73 1.58 -7.23
C CYS B 119 22.51 0.31 -7.55
N GLU B 120 22.31 -0.23 -8.75
CA GLU B 120 22.95 -1.48 -9.14
C GLU B 120 23.17 -1.66 -10.63
N PHE B 121 24.24 -2.35 -11.00
CA PHE B 121 24.51 -2.66 -12.40
C PHE B 121 25.24 -3.99 -12.51
N GLN B 122 25.04 -4.68 -13.64
CA GLN B 122 25.62 -5.99 -13.89
C GLN B 122 27.08 -6.04 -14.38
N ALA B 123 27.68 -7.22 -14.24
CA ALA B 123 29.05 -7.49 -14.67
C ALA B 123 29.98 -6.31 -14.46
CL CL C . -6.71 -8.81 -7.32
RB RB D . 2.29 -13.75 -3.18
RB RB E . -34.47 4.97 10.05
S SO4 F . -7.34 -11.46 2.37
O1 SO4 F . -7.96 -10.38 3.19
O2 SO4 F . -6.95 -10.92 1.04
O3 SO4 F . -6.12 -11.97 3.05
O4 SO4 F . -8.32 -12.55 2.19
#